data_6HPB
#
_entry.id   6HPB
#
_cell.length_a   100.000
_cell.length_b   100.000
_cell.length_c   88.900
_cell.angle_alpha   90.000
_cell.angle_beta   90.000
_cell.angle_gamma   120.000
#
_symmetry.space_group_name_H-M   'P 32 2 1'
#
loop_
_entity.id
_entity.type
_entity.pdbx_description
1 polymer 'mRNA interferase toxin HicA'
2 polymer 'Antitoxin HicB'
3 non-polymer 'SULFATE ION'
4 water water
#
loop_
_entity_poly.entity_id
_entity_poly.type
_entity_poly.pdbx_seq_one_letter_code
_entity_poly.pdbx_strand_id
1 'polypeptide(L)' (MSE)KQSEFRRWLESQGVDVANGSNHLKLRFHGRRSV(MSE)PRHPCDEIKEPLRKAILKQLGLS A,C
2 'polypeptide(L)'
;(MSE)RYPVTLTPAPEGGY(MSE)VSFVDIPEALTQGETVAEA(MSE)EAAKDALLTAFDFYFEDNELIPLPSPLNSHDH
FIEVPLSVASKVLLLNAFLQSEITQQELARRIGKPKQEITRLFNLHHATKIDAVQLAAKALGKELSLV(MSE)V
;
B,D
#
# COMPACT_ATOMS: atom_id res chain seq x y z
N LYS A 2 -5.41 -38.92 5.47
CA LYS A 2 -5.96 -39.21 4.16
C LYS A 2 -5.39 -38.24 3.11
N GLN A 3 -5.16 -36.98 3.47
CA GLN A 3 -4.52 -36.06 2.53
C GLN A 3 -3.14 -36.54 2.12
N SER A 4 -2.41 -37.16 3.05
CA SER A 4 -1.11 -37.74 2.71
C SER A 4 -1.22 -38.74 1.58
N GLU A 5 -2.18 -39.67 1.68
CA GLU A 5 -2.25 -40.68 0.63
C GLU A 5 -2.80 -40.08 -0.65
N PHE A 6 -3.70 -39.09 -0.54
CA PHE A 6 -4.22 -38.43 -1.73
C PHE A 6 -3.10 -37.75 -2.52
N ARG A 7 -2.15 -37.11 -1.80
CA ARG A 7 -1.02 -36.51 -2.48
C ARG A 7 -0.07 -37.57 -3.02
N ARG A 8 0.05 -38.72 -2.34
CA ARG A 8 0.84 -39.80 -2.90
C ARG A 8 0.20 -40.32 -4.19
N TRP A 9 -1.13 -40.39 -4.23
CA TRP A 9 -1.80 -40.81 -5.46
C TRP A 9 -1.57 -39.76 -6.54
N LEU A 10 -1.72 -38.48 -6.20
CA LEU A 10 -1.44 -37.41 -7.16
C LEU A 10 -0.05 -37.59 -7.77
N GLU A 11 0.93 -37.87 -6.90
CA GLU A 11 2.28 -38.05 -7.40
C GLU A 11 2.38 -39.31 -8.27
N SER A 12 1.71 -40.41 -7.88
CA SER A 12 1.63 -41.60 -8.74
C SER A 12 1.29 -41.25 -10.17
N GLN A 13 0.34 -40.32 -10.35
CA GLN A 13 -0.25 -40.00 -11.65
C GLN A 13 0.56 -38.99 -12.44
N GLY A 14 1.72 -38.57 -11.94
CA GLY A 14 2.56 -37.61 -12.63
C GLY A 14 2.35 -36.15 -12.24
N VAL A 15 1.50 -35.89 -11.29
CA VAL A 15 1.27 -34.55 -10.82
C VAL A 15 2.49 -34.12 -10.08
N ASP A 16 2.91 -32.88 -10.25
CA ASP A 16 4.07 -32.32 -9.54
C ASP A 16 3.65 -31.45 -8.37
N VAL A 17 4.24 -31.71 -7.24
CA VAL A 17 3.94 -31.01 -6.03
C VAL A 17 5.06 -30.08 -5.76
N ALA A 18 4.74 -28.81 -5.72
CA ALA A 18 5.82 -27.86 -5.66
C ALA A 18 6.14 -27.58 -4.20
N ASN A 19 7.35 -27.06 -4.00
CA ASN A 19 7.81 -26.74 -2.67
C ASN A 19 7.08 -25.49 -2.23
N GLY A 20 6.93 -25.36 -0.92
CA GLY A 20 6.24 -24.21 -0.38
C GLY A 20 5.99 -24.43 1.09
N SER A 21 5.37 -23.42 1.68
CA SER A 21 5.07 -23.39 3.08
C SER A 21 3.61 -23.01 3.32
N ASN A 22 2.88 -22.67 2.27
CA ASN A 22 1.45 -22.43 2.33
C ASN A 22 0.70 -23.64 1.78
N HIS A 23 -0.35 -23.41 1.02
CA HIS A 23 -1.00 -24.54 0.40
C HIS A 23 -0.04 -25.17 -0.61
N LEU A 24 -0.19 -26.47 -0.79
CA LEU A 24 0.59 -27.18 -1.79
C LEU A 24 0.16 -26.73 -3.18
N LYS A 25 1.13 -26.57 -4.08
CA LYS A 25 0.91 -26.14 -5.46
C LYS A 25 1.04 -27.35 -6.39
N LEU A 26 -0.05 -27.72 -7.06
CA LEU A 26 -0.12 -28.90 -7.92
C LEU A 26 -0.17 -28.49 -9.39
N ARG A 27 0.67 -29.11 -10.20
CA ARG A 27 0.69 -28.85 -11.63
C ARG A 27 0.59 -30.17 -12.39
N PHE A 28 -0.24 -30.19 -13.44
CA PHE A 28 -0.48 -31.41 -14.21
C PHE A 28 -0.86 -31.07 -15.65
N HIS A 29 0.05 -31.26 -16.60
CA HIS A 29 -0.23 -31.07 -18.03
C HIS A 29 -0.86 -29.70 -18.28
N GLY A 30 -0.23 -28.65 -17.77
CA GLY A 30 -0.76 -27.33 -18.00
C GLY A 30 -1.84 -26.91 -17.02
N ARG A 31 -2.33 -27.82 -16.20
CA ARG A 31 -3.35 -27.46 -15.23
C ARG A 31 -2.72 -27.33 -13.85
N ARG A 32 -3.36 -26.50 -13.06
CA ARG A 32 -2.82 -26.05 -11.78
C ARG A 32 -3.93 -26.12 -10.76
N SER A 33 -3.56 -26.44 -9.53
CA SER A 33 -4.49 -26.38 -8.41
C SER A 33 -3.66 -26.30 -7.14
N VAL A 34 -4.26 -25.76 -6.08
CA VAL A 34 -3.66 -25.84 -4.77
C VAL A 34 -4.41 -26.91 -3.97
N PRO A 36 -4.62 -28.19 0.54
CA PRO A 36 -4.10 -27.89 1.89
C PRO A 36 -2.84 -28.71 2.17
N ARG A 37 -2.00 -28.17 3.06
CA ARG A 37 -0.80 -28.86 3.52
C ARG A 37 -1.05 -29.39 4.93
N HIS A 38 -1.94 -30.37 5.00
CA HIS A 38 -2.33 -30.97 6.28
C HIS A 38 -2.45 -32.46 6.05
N PRO A 39 -1.31 -33.17 5.98
CA PRO A 39 -1.31 -34.57 5.54
C PRO A 39 -2.16 -35.48 6.42
N CYS A 40 -2.30 -35.16 7.70
CA CYS A 40 -3.08 -35.97 8.62
C CYS A 40 -4.55 -35.60 8.60
N ASP A 41 -4.92 -34.49 7.95
CA ASP A 41 -6.33 -34.16 7.78
C ASP A 41 -6.95 -35.09 6.75
N GLU A 42 -8.24 -35.34 6.92
CA GLU A 42 -8.98 -36.08 5.91
C GLU A 42 -9.19 -35.14 4.74
N ILE A 43 -8.99 -35.63 3.52
CA ILE A 43 -9.42 -34.85 2.39
C ILE A 43 -10.93 -35.05 2.21
N LYS A 44 -11.68 -33.96 2.25
CA LYS A 44 -13.12 -34.07 2.15
C LYS A 44 -13.51 -34.39 0.72
N GLU A 45 -14.55 -35.21 0.57
CA GLU A 45 -14.89 -35.75 -0.73
C GLU A 45 -15.14 -34.70 -1.82
N PRO A 46 -15.94 -33.65 -1.60
CA PRO A 46 -16.11 -32.64 -2.65
C PRO A 46 -14.82 -31.91 -2.97
N LEU A 47 -13.92 -31.73 -1.99
CA LEU A 47 -12.60 -31.15 -2.27
C LEU A 47 -11.77 -32.07 -3.14
N ARG A 48 -11.71 -33.36 -2.80
CA ARG A 48 -10.94 -34.30 -3.60
C ARG A 48 -11.46 -34.34 -5.04
N LYS A 49 -12.78 -34.27 -5.21
CA LYS A 49 -13.34 -34.28 -6.56
C LYS A 49 -13.09 -32.95 -7.29
N ALA A 50 -13.15 -31.83 -6.57
CA ALA A 50 -12.86 -30.56 -7.21
C ALA A 50 -11.42 -30.50 -7.72
N ILE A 51 -10.48 -31.04 -6.95
CA ILE A 51 -9.06 -31.02 -7.35
C ILE A 51 -8.83 -31.88 -8.58
N LEU A 52 -9.36 -33.11 -8.58
CA LEU A 52 -9.21 -33.99 -9.73
C LEU A 52 -9.80 -33.37 -10.97
N LYS A 53 -10.92 -32.67 -10.81
CA LYS A 53 -11.50 -32.01 -11.98
C LYS A 53 -10.62 -30.85 -12.42
N GLN A 54 -10.14 -30.06 -11.47
CA GLN A 54 -9.30 -28.92 -11.78
C GLN A 54 -8.02 -29.35 -12.45
N LEU A 55 -7.49 -30.53 -12.09
CA LEU A 55 -6.22 -31.01 -12.62
C LEU A 55 -6.36 -31.85 -13.88
N GLY A 56 -7.57 -32.09 -14.37
CA GLY A 56 -7.64 -32.96 -15.53
C GLY A 56 -7.66 -34.43 -15.19
N LEU A 57 -7.84 -34.79 -13.93
CA LEU A 57 -7.98 -36.18 -13.54
C LEU A 57 -9.44 -36.54 -13.28
N SER A 58 -10.34 -35.79 -13.93
CA SER A 58 -11.78 -35.72 -13.68
C SER A 58 -12.31 -36.51 -12.52
N ARG B 2 -11.71 -7.68 -2.74
CA ARG B 2 -12.33 -8.70 -1.92
C ARG B 2 -12.84 -9.81 -2.82
N TYR B 3 -12.30 -10.99 -2.67
CA TYR B 3 -12.78 -12.08 -3.50
C TYR B 3 -13.90 -12.83 -2.77
N PRO B 4 -15.06 -13.04 -3.39
CA PRO B 4 -16.12 -13.80 -2.71
C PRO B 4 -15.73 -15.27 -2.63
N VAL B 5 -15.92 -15.85 -1.46
CA VAL B 5 -15.55 -17.23 -1.17
C VAL B 5 -16.81 -18.09 -1.13
N THR B 6 -16.77 -19.25 -1.77
CA THR B 6 -17.86 -20.22 -1.75
C THR B 6 -17.58 -21.28 -0.69
N LEU B 7 -18.38 -21.29 0.37
N LEU B 7 -18.40 -21.29 0.36
CA LEU B 7 -18.25 -22.30 1.43
CA LEU B 7 -18.33 -22.29 1.42
C LEU B 7 -19.33 -23.37 1.18
C LEU B 7 -19.37 -23.36 1.13
N THR B 8 -18.90 -24.58 0.85
CA THR B 8 -19.78 -25.71 0.52
C THR B 8 -19.79 -26.74 1.65
N PRO B 9 -20.91 -27.02 2.30
CA PRO B 9 -20.91 -28.02 3.38
C PRO B 9 -20.48 -29.39 2.87
N ALA B 10 -19.61 -30.05 3.62
CA ALA B 10 -19.29 -31.42 3.23
C ALA B 10 -20.18 -32.42 4.00
N PRO B 11 -20.78 -33.42 3.34
CA PRO B 11 -21.63 -34.37 4.09
C PRO B 11 -20.89 -35.05 5.23
N GLU B 12 -19.59 -35.32 5.07
CA GLU B 12 -18.77 -35.85 6.16
C GLU B 12 -18.54 -34.84 7.28
N GLY B 13 -18.87 -33.57 7.08
CA GLY B 13 -18.64 -32.55 8.09
C GLY B 13 -17.65 -31.49 7.61
N GLY B 14 -17.77 -30.29 8.13
CA GLY B 14 -16.93 -29.21 7.69
C GLY B 14 -17.35 -28.69 6.33
N TYR B 15 -16.40 -28.09 5.64
CA TYR B 15 -16.66 -27.34 4.42
C TYR B 15 -15.54 -27.52 3.42
N VAL B 17 -13.88 -25.23 0.35
CA VAL B 17 -13.73 -23.83 -0.03
C VAL B 17 -13.41 -23.76 -1.52
N SER B 18 -14.16 -22.95 -2.24
CA SER B 18 -13.88 -22.69 -3.64
C SER B 18 -13.97 -21.19 -3.91
N PHE B 19 -13.44 -20.76 -5.06
CA PHE B 19 -13.49 -19.36 -5.47
C PHE B 19 -13.98 -19.26 -6.91
N VAL B 20 -15.09 -18.57 -7.10
CA VAL B 20 -15.66 -18.47 -8.45
C VAL B 20 -14.71 -17.78 -9.43
N ASP B 21 -13.82 -16.94 -8.94
CA ASP B 21 -12.95 -16.16 -9.83
C ASP B 21 -11.60 -16.82 -10.04
N ILE B 22 -11.18 -17.68 -9.12
CA ILE B 22 -9.85 -18.29 -9.14
C ILE B 22 -10.00 -19.80 -9.10
N PRO B 23 -9.93 -20.50 -10.24
CA PRO B 23 -10.26 -21.94 -10.24
C PRO B 23 -9.26 -22.79 -9.46
N GLU B 24 -8.02 -22.34 -9.32
CA GLU B 24 -6.97 -23.06 -8.60
C GLU B 24 -7.16 -23.09 -7.09
N ALA B 25 -7.93 -22.15 -6.54
CA ALA B 25 -7.99 -21.98 -5.08
C ALA B 25 -9.04 -22.93 -4.50
N LEU B 26 -8.58 -24.06 -4.00
CA LEU B 26 -9.47 -25.13 -3.56
C LEU B 26 -8.91 -25.65 -2.25
N THR B 27 -9.74 -25.66 -1.21
CA THR B 27 -9.25 -26.10 0.10
C THR B 27 -10.46 -26.47 0.97
N GLN B 28 -10.23 -26.63 2.28
CA GLN B 28 -11.31 -27.06 3.17
C GLN B 28 -11.09 -26.56 4.59
N GLY B 29 -12.06 -26.84 5.44
CA GLY B 29 -11.96 -26.52 6.85
C GLY B 29 -12.97 -27.31 7.67
N GLU B 30 -12.67 -27.51 8.96
CA GLU B 30 -13.61 -28.28 9.77
C GLU B 30 -14.73 -27.40 10.29
N THR B 31 -14.49 -26.10 10.36
CA THR B 31 -15.44 -25.09 10.79
C THR B 31 -15.39 -23.93 9.82
N VAL B 32 -16.37 -23.04 9.91
CA VAL B 32 -16.38 -21.86 9.08
C VAL B 32 -15.08 -21.09 9.28
N ALA B 33 -14.66 -20.92 10.54
CA ALA B 33 -13.44 -20.17 10.84
C ALA B 33 -12.23 -20.82 10.18
N GLU B 34 -12.09 -22.15 10.32
CA GLU B 34 -10.95 -22.84 9.71
C GLU B 34 -11.00 -22.71 8.20
N ALA B 35 -12.21 -22.73 7.64
CA ALA B 35 -12.38 -22.68 6.19
C ALA B 35 -12.00 -21.30 5.63
N GLU B 37 -9.93 -19.08 7.06
CA GLU B 37 -8.48 -18.94 7.21
C GLU B 37 -7.76 -19.70 6.11
N ALA B 38 -8.20 -20.92 5.84
CA ALA B 38 -7.66 -21.68 4.73
C ALA B 38 -7.98 -20.98 3.41
N ALA B 39 -9.15 -20.33 3.33
CA ALA B 39 -9.53 -19.67 2.10
C ALA B 39 -8.52 -18.60 1.73
N LYS B 40 -8.06 -17.81 2.71
CA LYS B 40 -7.11 -16.75 2.42
C LYS B 40 -5.77 -17.32 1.94
N ASP B 41 -5.24 -18.30 2.68
CA ASP B 41 -3.97 -18.96 2.32
C ASP B 41 -4.07 -19.61 0.94
N ALA B 42 -5.21 -20.25 0.66
CA ALA B 42 -5.36 -20.90 -0.64
C ALA B 42 -5.46 -19.88 -1.77
N LEU B 43 -6.15 -18.77 -1.53
CA LEU B 43 -6.23 -17.76 -2.58
C LEU B 43 -4.84 -17.14 -2.83
N LEU B 44 -4.15 -16.71 -1.76
CA LEU B 44 -2.82 -16.11 -1.90
C LEU B 44 -1.85 -17.10 -2.52
N THR B 45 -1.93 -18.38 -2.15
CA THR B 45 -1.05 -19.37 -2.75
C THR B 45 -1.31 -19.50 -4.25
N ALA B 46 -2.60 -19.56 -4.64
CA ALA B 46 -2.94 -19.71 -6.06
C ALA B 46 -2.40 -18.55 -6.89
N PHE B 47 -2.29 -17.37 -6.30
CA PHE B 47 -1.78 -16.23 -7.05
C PHE B 47 -0.39 -16.53 -7.59
N ASP B 48 0.43 -17.33 -6.86
CA ASP B 48 1.78 -17.61 -7.34
C ASP B 48 1.76 -18.20 -8.75
N PHE B 49 0.77 -19.07 -9.05
CA PHE B 49 0.71 -19.69 -10.36
C PHE B 49 0.73 -18.62 -11.45
N TYR B 50 -0.05 -17.57 -11.25
CA TYR B 50 -0.24 -16.56 -12.28
C TYR B 50 1.02 -15.73 -12.46
N PHE B 51 1.66 -15.34 -11.37
CA PHE B 51 2.95 -14.67 -11.49
C PHE B 51 3.95 -15.56 -12.21
N GLU B 52 3.96 -16.87 -11.89
CA GLU B 52 4.93 -17.75 -12.50
C GLU B 52 4.64 -17.91 -13.98
N ASP B 53 3.37 -18.09 -14.34
CA ASP B 53 3.04 -18.38 -15.73
C ASP B 53 2.79 -17.12 -16.54
N ASN B 54 2.98 -15.95 -15.94
CA ASN B 54 2.76 -14.71 -16.64
C ASN B 54 1.37 -14.68 -17.25
N GLU B 55 0.34 -14.93 -16.43
CA GLU B 55 -1.03 -14.88 -16.91
C GLU B 55 -1.79 -13.84 -16.08
N LEU B 56 -2.74 -13.16 -16.70
CA LEU B 56 -3.57 -12.19 -15.97
C LEU B 56 -4.28 -12.84 -14.79
N ILE B 57 -4.32 -12.15 -13.66
CA ILE B 57 -5.05 -12.62 -12.50
C ILE B 57 -6.48 -12.10 -12.60
N PRO B 58 -7.48 -12.98 -12.61
CA PRO B 58 -8.87 -12.52 -12.69
C PRO B 58 -9.20 -11.67 -11.46
N LEU B 59 -9.77 -10.52 -11.70
CA LEU B 59 -10.16 -9.65 -10.61
C LEU B 59 -11.47 -10.12 -9.95
N PRO B 60 -11.74 -9.68 -8.73
CA PRO B 60 -12.91 -10.23 -8.04
C PRO B 60 -14.24 -9.90 -8.70
N SER B 61 -15.16 -10.86 -8.63
CA SER B 61 -16.55 -10.60 -8.97
C SER B 61 -17.13 -9.64 -7.94
N PRO B 62 -18.09 -8.80 -8.33
CA PRO B 62 -18.71 -7.89 -7.36
C PRO B 62 -19.35 -8.66 -6.20
N LEU B 63 -19.24 -8.09 -5.00
CA LEU B 63 -19.84 -8.72 -3.84
C LEU B 63 -21.36 -8.65 -3.91
N ASN B 64 -22.00 -9.75 -3.53
CA ASN B 64 -23.43 -9.81 -3.28
C ASN B 64 -23.59 -9.91 -1.77
N SER B 65 -24.57 -9.21 -1.20
CA SER B 65 -24.83 -9.35 0.24
C SER B 65 -24.92 -10.80 0.71
N HIS B 66 -24.30 -11.01 1.87
CA HIS B 66 -24.20 -12.27 2.59
C HIS B 66 -23.10 -13.10 1.95
N ASP B 67 -22.33 -12.51 1.05
CA ASP B 67 -21.18 -13.22 0.52
C ASP B 67 -20.18 -13.40 1.63
N HIS B 68 -19.56 -14.56 1.69
CA HIS B 68 -18.28 -14.68 2.37
C HIS B 68 -17.25 -14.06 1.44
N PHE B 69 -16.20 -13.48 2.00
CA PHE B 69 -15.15 -12.98 1.12
C PHE B 69 -13.84 -12.85 1.86
N ILE B 70 -12.76 -12.85 1.08
CA ILE B 70 -11.40 -12.63 1.55
C ILE B 70 -10.97 -11.25 1.06
N GLU B 71 -10.60 -10.39 1.98
CA GLU B 71 -10.02 -9.10 1.63
C GLU B 71 -8.52 -9.30 1.43
N VAL B 72 -8.02 -9.02 0.24
CA VAL B 72 -6.60 -9.31 0.04
C VAL B 72 -5.74 -8.16 0.58
N PRO B 73 -4.62 -8.46 1.25
CA PRO B 73 -3.75 -7.39 1.77
C PRO B 73 -3.24 -6.48 0.66
N LEU B 74 -3.03 -5.20 1.02
CA LEU B 74 -2.59 -4.23 0.02
C LEU B 74 -1.25 -4.61 -0.57
N SER B 75 -0.38 -5.19 0.25
CA SER B 75 0.90 -5.68 -0.23
C SER B 75 0.73 -6.70 -1.36
N VAL B 76 -0.34 -7.50 -1.30
CA VAL B 76 -0.60 -8.45 -2.39
C VAL B 76 -1.40 -7.78 -3.50
N ALA B 77 -2.43 -7.04 -3.13
CA ALA B 77 -3.29 -6.43 -4.14
C ALA B 77 -2.48 -5.51 -5.05
N SER B 78 -1.49 -4.79 -4.50
CA SER B 78 -0.68 -3.87 -5.31
C SER B 78 0.05 -4.64 -6.39
N LYS B 79 0.55 -5.83 -6.05
CA LYS B 79 1.31 -6.59 -7.03
C LYS B 79 0.39 -7.34 -8.01
N VAL B 80 -0.81 -7.73 -7.57
CA VAL B 80 -1.78 -8.27 -8.50
C VAL B 80 -2.10 -7.25 -9.59
N LEU B 81 -2.38 -6.02 -9.17
CA LEU B 81 -2.65 -4.95 -10.14
C LEU B 81 -1.42 -4.66 -11.00
N LEU B 82 -0.24 -4.67 -10.39
CA LEU B 82 0.98 -4.43 -11.17
C LEU B 82 1.20 -5.52 -12.22
N LEU B 83 1.02 -6.79 -11.83
CA LEU B 83 1.20 -7.89 -12.78
C LEU B 83 0.26 -7.73 -13.99
N ASN B 84 -1.01 -7.42 -13.74
CA ASN B 84 -1.96 -7.29 -14.85
C ASN B 84 -1.58 -6.13 -15.77
N ALA B 85 -1.14 -5.02 -15.20
CA ALA B 85 -0.71 -3.90 -16.04
C ALA B 85 0.56 -4.26 -16.82
N PHE B 86 1.49 -4.96 -16.17
CA PHE B 86 2.72 -5.32 -16.86
C PHE B 86 2.44 -6.28 -18.00
N LEU B 87 1.65 -7.32 -17.75
CA LEU B 87 1.39 -8.29 -18.81
C LEU B 87 0.70 -7.62 -19.99
N GLN B 88 -0.22 -6.70 -19.70
CA GLN B 88 -0.99 -6.08 -20.77
C GLN B 88 -0.16 -5.08 -21.56
N SER B 89 0.96 -4.60 -21.03
CA SER B 89 1.82 -3.71 -21.79
C SER B 89 2.70 -4.45 -22.77
N GLU B 90 3.01 -5.73 -22.50
CA GLU B 90 3.83 -6.59 -23.33
C GLU B 90 5.27 -6.10 -23.45
N ILE B 91 5.66 -5.06 -22.71
CA ILE B 91 7.05 -4.65 -22.67
C ILE B 91 7.83 -5.60 -21.77
N THR B 92 9.13 -5.65 -21.95
CA THR B 92 9.94 -6.56 -21.17
C THR B 92 10.24 -6.00 -19.78
N GLN B 93 10.64 -6.92 -18.90
CA GLN B 93 11.15 -6.56 -17.59
C GLN B 93 12.42 -5.72 -17.68
N GLN B 94 13.25 -5.93 -18.70
CA GLN B 94 14.44 -5.11 -18.84
C GLN B 94 14.07 -3.68 -19.21
N GLU B 95 13.09 -3.51 -20.10
CA GLU B 95 12.62 -2.18 -20.47
C GLU B 95 11.94 -1.49 -19.30
N LEU B 96 11.18 -2.24 -18.51
CA LEU B 96 10.56 -1.64 -17.34
C LEU B 96 11.63 -1.13 -16.38
N ALA B 97 12.69 -1.90 -16.18
CA ALA B 97 13.79 -1.47 -15.32
C ALA B 97 14.50 -0.25 -15.88
N ARG B 98 14.67 -0.22 -17.21
CA ARG B 98 15.25 0.95 -17.86
C ARG B 98 14.39 2.18 -17.58
N ARG B 99 13.06 2.03 -17.67
CA ARG B 99 12.17 3.18 -17.49
C ARG B 99 12.21 3.69 -16.06
N ILE B 100 12.30 2.78 -15.09
CA ILE B 100 12.32 3.15 -13.67
C ILE B 100 13.67 3.67 -13.20
N GLY B 101 14.77 3.32 -13.87
CA GLY B 101 16.06 3.70 -13.35
C GLY B 101 16.55 2.82 -12.23
N LYS B 102 16.11 1.56 -12.22
CA LYS B 102 16.52 0.57 -11.25
C LYS B 102 17.04 -0.69 -11.95
N PRO B 103 17.87 -1.49 -11.28
CA PRO B 103 18.41 -2.69 -11.94
C PRO B 103 17.33 -3.75 -12.05
N LYS B 104 17.47 -4.60 -13.08
CA LYS B 104 16.45 -5.61 -13.39
C LYS B 104 16.11 -6.45 -12.17
N GLN B 105 17.12 -6.76 -11.36
CA GLN B 105 16.96 -7.59 -10.18
C GLN B 105 15.83 -7.07 -9.30
N GLU B 106 15.74 -5.76 -9.14
CA GLU B 106 14.68 -5.22 -8.31
C GLU B 106 13.36 -5.20 -9.04
N ILE B 107 13.38 -5.19 -10.37
CA ILE B 107 12.11 -5.27 -11.08
C ILE B 107 11.56 -6.68 -11.02
N THR B 108 12.44 -7.69 -11.13
CA THR B 108 12.01 -9.08 -11.08
C THR B 108 11.29 -9.39 -9.77
N ARG B 109 11.86 -8.93 -8.64
CA ARG B 109 11.28 -9.25 -7.34
C ARG B 109 9.91 -8.60 -7.14
N LEU B 110 9.53 -7.63 -7.97
CA LEU B 110 8.17 -7.09 -7.88
C LEU B 110 7.11 -8.13 -8.28
N PHE B 111 7.44 -9.07 -9.16
CA PHE B 111 6.46 -10.03 -9.67
C PHE B 111 6.46 -11.35 -8.93
N ASN B 112 6.67 -11.32 -7.62
CA ASN B 112 6.58 -12.49 -6.76
C ASN B 112 6.10 -12.03 -5.39
N LEU B 113 5.24 -12.81 -4.75
CA LEU B 113 4.61 -12.34 -3.52
C LEU B 113 5.42 -12.66 -2.28
N HIS B 114 6.49 -13.40 -2.41
CA HIS B 114 7.26 -13.88 -1.26
C HIS B 114 8.40 -12.94 -0.90
N HIS B 115 8.08 -11.65 -0.93
CA HIS B 115 8.96 -10.60 -0.48
C HIS B 115 8.10 -9.59 0.23
N ALA B 116 8.76 -8.74 1.03
CA ALA B 116 8.06 -7.54 1.48
C ALA B 116 7.69 -6.68 0.28
N THR B 117 6.56 -6.02 0.35
CA THR B 117 6.18 -5.10 -0.70
C THR B 117 6.54 -3.70 -0.25
N LYS B 118 7.30 -2.99 -1.07
CA LYS B 118 7.55 -1.56 -0.89
C LYS B 118 6.58 -0.83 -1.82
N ILE B 119 5.61 -0.13 -1.24
CA ILE B 119 4.47 0.34 -2.03
C ILE B 119 4.92 1.39 -3.04
N ASP B 120 5.89 2.24 -2.66
CA ASP B 120 6.35 3.30 -3.58
C ASP B 120 7.01 2.71 -4.81
N ALA B 121 7.76 1.62 -4.65
CA ALA B 121 8.36 0.97 -5.81
C ALA B 121 7.29 0.43 -6.75
N VAL B 122 6.24 -0.19 -6.21
CA VAL B 122 5.12 -0.61 -7.06
C VAL B 122 4.50 0.60 -7.76
N GLN B 123 4.33 1.70 -7.04
CA GLN B 123 3.79 2.93 -7.64
C GLN B 123 4.67 3.43 -8.81
N LEU B 124 5.99 3.41 -8.66
CA LEU B 124 6.86 3.87 -9.74
C LEU B 124 6.80 2.92 -10.93
N ALA B 125 6.81 1.62 -10.69
CA ALA B 125 6.73 0.69 -11.80
C ALA B 125 5.40 0.82 -12.53
N ALA B 126 4.31 1.01 -11.78
CA ALA B 126 3.02 1.25 -12.43
C ALA B 126 3.09 2.51 -13.31
N LYS B 127 3.66 3.59 -12.77
CA LYS B 127 3.81 4.82 -13.53
C LYS B 127 4.59 4.59 -14.82
N ALA B 128 5.71 3.86 -14.74
CA ALA B 128 6.46 3.57 -15.97
C ALA B 128 5.61 2.79 -16.98
N LEU B 129 4.65 1.99 -16.51
CA LEU B 129 3.72 1.31 -17.40
C LEU B 129 2.58 2.18 -17.89
N GLY B 130 2.57 3.46 -17.59
CA GLY B 130 1.46 4.30 -17.98
C GLY B 130 0.22 4.12 -17.13
N LYS B 131 0.38 3.55 -15.94
CA LYS B 131 -0.70 3.33 -15.01
C LYS B 131 -0.47 4.11 -13.71
N GLU B 132 -1.53 4.29 -12.95
CA GLU B 132 -1.49 5.10 -11.73
C GLU B 132 -2.17 4.35 -10.60
N LEU B 133 -1.43 4.07 -9.54
CA LEU B 133 -1.97 3.40 -8.37
C LEU B 133 -2.40 4.45 -7.35
N SER B 134 -3.63 4.33 -6.84
CA SER B 134 -4.19 5.26 -5.87
C SER B 134 -4.74 4.52 -4.66
N LEU B 135 -4.76 5.25 -3.54
CA LEU B 135 -5.32 4.77 -2.29
C LEU B 135 -6.70 5.39 -2.12
N VAL B 136 -7.64 4.59 -1.59
CA VAL B 136 -9.00 5.05 -1.36
C VAL B 136 -9.34 4.79 0.09
N VAL B 138 -12.21 4.67 2.95
CA VAL B 138 -13.59 4.19 2.78
C VAL B 138 -14.13 4.53 1.42
N ARG C 7 19.84 34.77 6.96
CA ARG C 7 19.62 33.52 7.67
C ARG C 7 20.20 33.51 9.13
N ARG C 8 21.26 34.28 9.41
CA ARG C 8 21.65 34.43 10.82
C ARG C 8 20.55 35.10 11.62
N TRP C 9 19.89 36.09 11.01
CA TRP C 9 18.80 36.79 11.66
C TRP C 9 17.59 35.89 11.87
N LEU C 10 17.19 35.12 10.85
CA LEU C 10 15.96 34.33 10.92
C LEU C 10 15.96 33.39 12.12
N GLU C 11 16.98 32.56 12.26
CA GLU C 11 17.06 31.64 13.39
C GLU C 11 17.56 32.41 14.61
N SER C 12 16.62 32.99 15.36
CA SER C 12 16.98 33.71 16.57
C SER C 12 15.87 33.70 17.62
N GLN C 13 15.44 34.89 18.02
CA GLN C 13 14.59 35.05 19.19
C GLN C 13 13.12 34.76 18.90
N GLY C 14 12.42 34.22 19.89
CA GLY C 14 11.00 33.95 19.77
C GLY C 14 10.65 32.58 19.26
N VAL C 15 10.73 32.40 17.94
CA VAL C 15 10.37 31.12 17.32
C VAL C 15 11.34 30.02 17.78
N ASP C 16 10.79 28.83 18.01
CA ASP C 16 11.54 27.68 18.50
C ASP C 16 11.90 26.76 17.34
N VAL C 17 13.19 26.48 17.18
CA VAL C 17 13.66 25.59 16.14
C VAL C 17 14.00 24.26 16.83
N ALA C 18 13.12 23.27 16.65
CA ALA C 18 13.21 21.99 17.34
C ALA C 18 13.71 20.85 16.46
N ASN C 19 12.92 19.79 16.38
CA ASN C 19 13.27 18.58 15.64
C ASN C 19 13.08 18.77 14.13
N GLY C 20 13.87 18.05 13.37
CA GLY C 20 13.74 18.07 11.92
C GLY C 20 14.95 17.43 11.26
N SER C 21 14.88 17.33 9.93
CA SER C 21 15.95 16.74 9.15
C SER C 21 16.28 17.57 7.90
N ASN C 22 15.28 17.73 7.02
CA ASN C 22 15.43 18.50 5.79
C ASN C 22 14.98 19.92 6.05
N HIS C 23 13.69 20.19 5.86
CA HIS C 23 13.14 21.48 6.26
C HIS C 23 13.06 21.57 7.78
N LEU C 24 13.37 22.76 8.32
CA LEU C 24 13.26 22.97 9.75
C LEU C 24 11.81 23.14 10.17
N LYS C 25 11.45 22.56 11.32
CA LYS C 25 10.09 22.64 11.85
C LYS C 25 10.11 23.64 13.02
N LEU C 26 9.60 24.84 12.77
CA LEU C 26 9.61 25.91 13.74
C LEU C 26 8.19 26.12 14.23
N ARG C 27 8.02 26.10 15.55
CA ARG C 27 6.74 26.27 16.22
C ARG C 27 6.84 27.43 17.20
N PHE C 28 5.80 28.26 17.24
CA PHE C 28 5.80 29.48 18.04
C PHE C 28 4.47 29.50 18.77
N HIS C 29 4.46 28.94 19.98
CA HIS C 29 3.35 29.00 20.91
C HIS C 29 2.02 28.68 20.23
N GLY C 30 1.99 27.49 19.61
CA GLY C 30 0.82 27.01 18.92
C GLY C 30 0.77 27.30 17.44
N ARG C 31 1.68 28.11 16.91
CA ARG C 31 1.73 28.40 15.48
C ARG C 31 2.90 27.64 14.85
N ARG C 32 2.72 27.23 13.59
CA ARG C 32 3.65 26.33 12.91
C ARG C 32 4.00 26.86 11.54
N SER C 33 5.28 26.68 11.16
CA SER C 33 5.74 26.95 9.81
C SER C 33 7.06 26.23 9.59
N VAL C 34 7.36 25.93 8.32
CA VAL C 34 8.66 25.42 7.91
C VAL C 34 9.41 26.49 7.11
N PRO C 36 13.34 26.41 4.21
CA PRO C 36 14.63 25.75 3.93
C PRO C 36 15.69 26.14 4.95
N ARG C 37 16.72 25.28 5.05
CA ARG C 37 17.85 25.57 5.93
C ARG C 37 19.00 26.22 5.17
N HIS C 38 19.53 25.51 4.14
CA HIS C 38 20.51 26.03 3.18
C HIS C 38 21.03 27.44 3.46
N PRO C 39 21.98 27.55 4.42
CA PRO C 39 22.35 28.89 4.90
C PRO C 39 22.97 29.81 3.87
N CYS C 40 23.64 29.28 2.85
CA CYS C 40 24.34 30.15 1.91
C CYS C 40 23.46 30.70 0.79
N ASP C 41 22.28 30.12 0.52
CA ASP C 41 21.41 30.73 -0.45
C ASP C 41 20.70 31.96 0.14
N GLU C 42 20.31 32.88 -0.73
CA GLU C 42 19.55 34.06 -0.31
C GLU C 42 18.11 33.65 -0.03
N ILE C 43 17.66 33.94 1.18
CA ILE C 43 16.28 33.74 1.60
C ILE C 43 15.44 34.91 1.11
N LYS C 44 14.35 34.59 0.41
CA LYS C 44 13.50 35.61 -0.18
C LYS C 44 12.62 36.33 0.85
N GLU C 45 12.36 37.61 0.58
CA GLU C 45 11.46 38.37 1.44
C GLU C 45 10.05 37.80 1.46
N PRO C 46 9.44 37.41 0.33
CA PRO C 46 8.09 36.84 0.41
C PRO C 46 8.02 35.61 1.28
N LEU C 47 9.12 34.87 1.38
CA LEU C 47 9.18 33.77 2.33
C LEU C 47 9.10 34.30 3.76
N ARG C 48 9.89 35.33 4.09
CA ARG C 48 9.91 35.91 5.43
C ARG C 48 8.55 36.46 5.82
N LYS C 49 7.81 37.03 4.87
CA LYS C 49 6.51 37.59 5.20
C LYS C 49 5.47 36.50 5.40
N ALA C 50 5.50 35.46 4.56
CA ALA C 50 4.61 34.32 4.74
C ALA C 50 4.92 33.62 6.04
N ILE C 51 6.20 33.56 6.42
CA ILE C 51 6.59 32.82 7.61
C ILE C 51 6.18 33.60 8.86
N LEU C 52 6.51 34.90 8.90
CA LEU C 52 6.14 35.75 10.03
C LEU C 52 4.62 35.87 10.16
N LYS C 53 3.92 35.89 9.03
CA LYS C 53 2.46 35.92 9.07
C LYS C 53 1.90 34.57 9.54
N GLN C 54 2.51 33.45 9.12
CA GLN C 54 2.06 32.15 9.59
C GLN C 54 2.25 31.97 11.09
N LEU C 55 3.29 32.60 11.64
CA LEU C 55 3.64 32.42 13.05
C LEU C 55 3.06 33.49 13.97
N GLY C 56 2.43 34.54 13.46
CA GLY C 56 1.96 35.57 14.36
C GLY C 56 0.49 35.92 14.26
N LEU C 57 -0.26 35.21 13.41
CA LEU C 57 -1.71 35.29 13.37
C LEU C 57 -2.31 33.93 13.68
N SER C 58 -3.56 33.95 14.13
CA SER C 58 -4.21 32.74 14.65
C SER C 58 -4.66 31.82 13.51
N ARG D 2 -2.52 14.61 -5.03
CA ARG D 2 -1.64 15.58 -5.66
C ARG D 2 -1.88 16.97 -5.10
N TYR D 3 -0.86 17.59 -4.52
CA TYR D 3 -1.02 18.91 -3.97
C TYR D 3 -0.66 19.96 -5.01
N PRO D 4 -1.57 20.86 -5.35
CA PRO D 4 -1.23 21.92 -6.29
C PRO D 4 -0.31 22.89 -5.59
N VAL D 5 0.77 23.25 -6.26
CA VAL D 5 1.74 24.16 -5.68
C VAL D 5 1.57 25.50 -6.40
N THR D 6 1.50 26.56 -5.63
CA THR D 6 1.51 27.89 -6.19
C THR D 6 2.96 28.33 -6.21
N LEU D 7 3.44 28.80 -7.35
CA LEU D 7 4.80 29.33 -7.37
C LEU D 7 4.77 30.78 -7.87
N THR D 8 4.96 31.70 -6.92
CA THR D 8 5.00 33.12 -7.24
C THR D 8 6.44 33.54 -7.49
N PRO D 9 6.82 33.90 -8.72
CA PRO D 9 8.21 34.34 -8.95
C PRO D 9 8.49 35.67 -8.26
N ALA D 10 9.65 35.74 -7.55
CA ALA D 10 10.11 36.97 -6.91
C ALA D 10 11.06 37.71 -7.83
N PRO D 11 10.93 39.03 -7.99
CA PRO D 11 11.79 39.81 -8.89
C PRO D 11 13.28 39.62 -8.66
N GLU D 12 13.65 39.18 -7.45
CA GLU D 12 15.06 38.94 -7.16
C GLU D 12 15.71 37.95 -8.11
N GLY D 13 14.93 37.20 -8.86
CA GLY D 13 15.48 36.26 -9.82
C GLY D 13 15.21 34.82 -9.43
N GLY D 14 14.04 34.30 -9.80
CA GLY D 14 13.69 32.95 -9.44
C GLY D 14 12.22 32.83 -9.08
N TYR D 15 11.89 31.90 -8.19
CA TYR D 15 10.49 31.61 -7.87
C TYR D 15 10.33 31.41 -6.38
N VAL D 17 7.79 29.25 -3.67
CA VAL D 17 6.92 28.07 -3.68
C VAL D 17 5.86 28.21 -2.59
N SER D 18 4.59 28.09 -2.97
CA SER D 18 3.48 28.12 -2.03
C SER D 18 2.52 26.96 -2.30
N PHE D 19 1.77 26.59 -1.27
CA PHE D 19 0.76 25.54 -1.37
C PHE D 19 -0.51 26.09 -0.76
N VAL D 20 -1.57 26.24 -1.57
CA VAL D 20 -2.80 26.85 -1.10
C VAL D 20 -3.45 26.07 0.04
N ASP D 21 -3.15 24.79 0.17
CA ASP D 21 -3.81 23.95 1.17
C ASP D 21 -3.00 23.76 2.45
N ILE D 22 -1.68 23.96 2.41
CA ILE D 22 -0.81 23.65 3.53
C ILE D 22 -0.06 24.92 3.91
N PRO D 23 -0.53 25.64 4.93
CA PRO D 23 0.06 26.95 5.24
C PRO D 23 1.47 26.84 5.76
N GLU D 24 1.79 25.74 6.46
CA GLU D 24 3.13 25.56 7.00
C GLU D 24 4.14 25.29 5.89
N ALA D 25 3.68 24.79 4.75
CA ALA D 25 4.57 24.32 3.69
C ALA D 25 5.00 25.54 2.90
N LEU D 26 6.20 26.04 3.19
CA LEU D 26 6.68 27.25 2.57
C LEU D 26 8.15 27.12 2.29
N THR D 27 8.54 27.33 1.03
CA THR D 27 9.93 27.39 0.64
C THR D 27 10.01 28.08 -0.72
N GLN D 28 11.16 27.96 -1.36
CA GLN D 28 11.30 28.44 -2.73
C GLN D 28 12.48 27.74 -3.38
N GLY D 29 12.75 28.13 -4.62
CA GLY D 29 13.83 27.60 -5.43
C GLY D 29 14.06 28.59 -6.54
N GLU D 30 15.26 28.56 -7.11
CA GLU D 30 15.59 29.59 -8.07
C GLU D 30 15.19 29.27 -9.51
N THR D 31 14.91 28.02 -9.86
CA THR D 31 14.40 27.71 -11.20
C THR D 31 13.16 26.84 -11.09
N VAL D 32 12.43 26.72 -12.21
CA VAL D 32 11.19 25.95 -12.23
C VAL D 32 11.44 24.51 -11.78
N ALA D 33 12.37 23.83 -12.45
CA ALA D 33 12.67 22.45 -12.09
C ALA D 33 13.15 22.36 -10.65
N GLU D 34 14.01 23.28 -10.22
CA GLU D 34 14.52 23.30 -8.86
C GLU D 34 13.44 23.64 -7.84
N ALA D 35 12.52 24.55 -8.17
CA ALA D 35 11.51 24.97 -7.20
C ALA D 35 10.54 23.84 -6.88
N GLU D 37 11.35 20.62 -6.85
CA GLU D 37 12.08 19.71 -5.99
C GLU D 37 11.99 20.13 -4.54
N ALA D 38 12.19 21.43 -4.28
CA ALA D 38 12.02 21.96 -2.93
C ALA D 38 10.57 21.85 -2.47
N ALA D 39 9.62 21.93 -3.40
CA ALA D 39 8.20 21.84 -3.03
C ALA D 39 7.88 20.50 -2.38
N LYS D 40 8.37 19.41 -2.95
CA LYS D 40 8.10 18.11 -2.36
C LYS D 40 8.72 18.04 -0.96
N ASP D 41 9.97 18.44 -0.85
CA ASP D 41 10.65 18.43 0.44
C ASP D 41 9.92 19.29 1.47
N ALA D 42 9.46 20.47 1.07
CA ALA D 42 8.80 21.34 2.03
C ALA D 42 7.46 20.79 2.47
N LEU D 43 6.66 20.26 1.54
CA LEU D 43 5.34 19.77 1.92
C LEU D 43 5.45 18.54 2.80
N LEU D 44 6.27 17.57 2.42
CA LEU D 44 6.36 16.36 3.21
C LEU D 44 6.75 16.70 4.65
N THR D 45 7.65 17.67 4.83
CA THR D 45 8.03 18.13 6.17
C THR D 45 6.86 18.73 6.93
N ALA D 46 6.09 19.61 6.27
CA ALA D 46 4.96 20.26 6.92
C ALA D 46 3.97 19.25 7.46
N PHE D 47 3.90 18.07 6.86
CA PHE D 47 3.00 17.03 7.36
C PHE D 47 3.36 16.62 8.78
N ASP D 48 4.65 16.62 9.11
CA ASP D 48 5.10 16.14 10.43
C ASP D 48 4.36 16.84 11.56
N PHE D 49 4.09 18.14 11.40
CA PHE D 49 3.44 18.94 12.43
C PHE D 49 2.13 18.31 12.89
N TYR D 50 1.30 17.90 11.91
CA TYR D 50 -0.06 17.47 12.22
C TYR D 50 -0.05 16.14 12.96
N PHE D 51 0.82 15.20 12.55
CA PHE D 51 1.00 13.97 13.31
C PHE D 51 1.45 14.29 14.73
N GLU D 52 2.30 15.30 14.88
CA GLU D 52 2.75 15.70 16.21
C GLU D 52 1.61 16.31 17.00
N ASP D 53 0.85 17.20 16.38
CA ASP D 53 -0.18 17.95 17.08
C ASP D 53 -1.54 17.25 17.07
N ASN D 54 -1.60 16.01 16.56
CA ASN D 54 -2.84 15.23 16.54
C ASN D 54 -4.00 16.03 15.95
N GLU D 55 -3.76 16.66 14.80
CA GLU D 55 -4.81 17.38 14.10
C GLU D 55 -4.93 16.96 12.64
N LEU D 56 -6.14 17.12 12.12
CA LEU D 56 -6.49 16.79 10.75
C LEU D 56 -5.55 17.45 9.74
N ILE D 57 -5.18 16.69 8.71
CA ILE D 57 -4.41 17.19 7.57
C ILE D 57 -5.36 17.60 6.45
N PRO D 58 -5.30 18.85 5.96
CA PRO D 58 -6.18 19.25 4.85
C PRO D 58 -5.78 18.55 3.55
N LEU D 59 -6.75 17.87 2.94
CA LEU D 59 -6.51 17.15 1.71
C LEU D 59 -6.41 18.14 0.55
N PRO D 60 -5.74 17.78 -0.54
CA PRO D 60 -5.47 18.77 -1.58
C PRO D 60 -6.74 19.28 -2.22
N SER D 61 -6.70 20.55 -2.62
CA SER D 61 -7.77 21.08 -3.43
C SER D 61 -7.71 20.41 -4.80
N PRO D 62 -8.85 20.23 -5.46
CA PRO D 62 -8.85 19.56 -6.77
C PRO D 62 -8.01 20.28 -7.79
N LEU D 63 -7.35 19.49 -8.63
CA LEU D 63 -6.47 20.00 -9.67
C LEU D 63 -7.24 20.71 -10.78
N ASN D 64 -6.68 21.81 -11.24
CA ASN D 64 -7.09 22.51 -12.44
C ASN D 64 -6.03 22.32 -13.53
N SER D 65 -6.51 22.18 -14.77
CA SER D 65 -5.62 22.03 -15.92
C SER D 65 -4.49 23.04 -15.88
N HIS D 66 -3.28 22.55 -16.14
CA HIS D 66 -2.02 23.27 -16.19
C HIS D 66 -1.46 23.57 -14.81
N ASP D 67 -2.02 23.01 -13.75
CA ASP D 67 -1.46 23.21 -12.41
C ASP D 67 -0.10 22.55 -12.28
N HIS D 68 0.81 23.21 -11.57
CA HIS D 68 1.95 22.56 -11.00
C HIS D 68 1.46 21.79 -9.79
N PHE D 69 2.06 20.62 -9.53
CA PHE D 69 1.68 19.86 -8.36
C PHE D 69 2.80 18.92 -7.94
N ILE D 70 2.76 18.51 -6.69
CA ILE D 70 3.64 17.48 -6.16
C ILE D 70 2.77 16.27 -5.91
N GLU D 71 3.12 15.13 -6.50
CA GLU D 71 2.43 13.88 -6.23
C GLU D 71 3.06 13.23 -5.00
N VAL D 72 2.26 13.02 -3.97
CA VAL D 72 2.79 12.50 -2.72
C VAL D 72 2.97 11.00 -2.86
N PRO D 73 4.07 10.42 -2.37
CA PRO D 73 4.23 8.97 -2.44
C PRO D 73 3.14 8.25 -1.67
N LEU D 74 2.82 7.02 -2.14
CA LEU D 74 1.82 6.20 -1.47
C LEU D 74 2.23 5.92 -0.03
N SER D 75 3.53 5.76 0.19
CA SER D 75 4.04 5.57 1.54
C SER D 75 3.62 6.71 2.47
N VAL D 76 3.64 7.94 1.97
CA VAL D 76 3.23 9.07 2.79
C VAL D 76 1.71 9.21 2.78
N ALA D 77 1.10 9.09 1.61
CA ALA D 77 -0.33 9.29 1.51
C ALA D 77 -1.10 8.31 2.39
N SER D 78 -0.62 7.06 2.50
CA SER D 78 -1.34 6.09 3.31
C SER D 78 -1.44 6.52 4.77
N LYS D 79 -0.36 7.04 5.35
CA LYS D 79 -0.42 7.43 6.76
C LYS D 79 -1.03 8.83 6.94
N VAL D 80 -0.94 9.69 5.93
CA VAL D 80 -1.71 10.94 5.94
C VAL D 80 -3.18 10.61 6.08
N LEU D 81 -3.66 9.66 5.29
CA LEU D 81 -5.04 9.20 5.44
C LEU D 81 -5.24 8.50 6.78
N LEU D 82 -4.24 7.76 7.26
CA LEU D 82 -4.37 7.05 8.53
C LEU D 82 -4.57 8.03 9.69
N LEU D 83 -3.79 9.11 9.71
CA LEU D 83 -3.91 10.08 10.79
C LEU D 83 -5.31 10.65 10.90
N ASN D 84 -5.90 11.02 9.75
CA ASN D 84 -7.22 11.65 9.77
C ASN D 84 -8.29 10.69 10.28
N ALA D 85 -8.19 9.40 9.93
CA ALA D 85 -9.16 8.42 10.40
C ALA D 85 -9.07 8.22 11.90
N PHE D 86 -7.84 8.21 12.41
CA PHE D 86 -7.61 7.99 13.85
C PHE D 86 -8.27 9.08 14.67
N LEU D 87 -8.11 10.33 14.26
CA LEU D 87 -8.65 11.46 15.02
C LEU D 87 -10.17 11.50 15.06
N GLN D 88 -10.84 11.30 13.92
CA GLN D 88 -12.30 11.48 13.92
C GLN D 88 -13.02 10.30 14.55
N SER D 89 -12.34 9.17 14.74
CA SER D 89 -12.91 8.08 15.50
C SER D 89 -12.86 8.33 16.99
N GLU D 90 -11.97 9.21 17.46
CA GLU D 90 -11.81 9.58 18.85
C GLU D 90 -11.32 8.42 19.72
N ILE D 91 -10.84 7.36 19.08
CA ILE D 91 -10.29 6.21 19.80
C ILE D 91 -8.92 6.58 20.37
N THR D 92 -8.53 5.88 21.43
CA THR D 92 -7.22 6.10 22.02
C THR D 92 -6.18 5.36 21.20
N GLN D 93 -4.92 5.79 21.31
CA GLN D 93 -3.87 5.02 20.67
C GLN D 93 -3.73 3.63 21.32
N GLN D 94 -3.96 3.54 22.63
CA GLN D 94 -3.91 2.24 23.32
C GLN D 94 -5.10 1.36 22.95
N GLU D 95 -6.30 1.95 22.82
CA GLU D 95 -7.47 1.18 22.42
C GLU D 95 -7.32 0.64 21.00
N LEU D 96 -6.72 1.43 20.10
CA LEU D 96 -6.43 0.95 18.75
C LEU D 96 -5.49 -0.24 18.79
N ALA D 97 -4.54 -0.24 19.74
CA ALA D 97 -3.56 -1.32 19.85
C ALA D 97 -4.20 -2.65 20.17
N ARG D 98 -5.14 -2.66 21.14
CA ARG D 98 -5.82 -3.90 21.48
C ARG D 98 -6.58 -4.45 20.28
N ARG D 99 -7.27 -3.58 19.54
CA ARG D 99 -7.99 -4.03 18.36
C ARG D 99 -7.05 -4.54 17.28
N ILE D 100 -5.87 -3.93 17.17
CA ILE D 100 -4.90 -4.39 16.19
C ILE D 100 -4.19 -5.64 16.71
N GLY D 101 -4.03 -5.75 18.02
CA GLY D 101 -3.24 -6.82 18.60
C GLY D 101 -1.76 -6.58 18.52
N LYS D 102 -1.31 -5.33 18.44
CA LYS D 102 0.11 -5.00 18.45
C LYS D 102 0.41 -3.98 19.53
N PRO D 103 1.63 -3.99 20.06
CA PRO D 103 1.98 -3.09 21.16
C PRO D 103 2.14 -1.65 20.69
N LYS D 104 2.00 -0.74 21.68
CA LYS D 104 2.02 0.70 21.44
C LYS D 104 3.19 1.14 20.55
N GLN D 105 4.34 0.49 20.69
CA GLN D 105 5.54 0.92 19.95
C GLN D 105 5.32 0.92 18.45
N GLU D 106 4.73 -0.15 17.91
CA GLU D 106 4.53 -0.19 16.46
C GLU D 106 3.30 0.57 16.01
N ILE D 107 2.35 0.81 16.91
CA ILE D 107 1.24 1.68 16.53
C ILE D 107 1.72 3.12 16.44
N THR D 108 2.66 3.50 17.30
CA THR D 108 3.17 4.86 17.30
C THR D 108 3.77 5.22 15.94
N ARG D 109 4.70 4.41 15.45
CA ARG D 109 5.40 4.76 14.22
C ARG D 109 4.50 4.67 13.00
N LEU D 110 3.23 4.24 13.18
CA LEU D 110 2.27 4.44 12.10
C LEU D 110 2.00 5.92 11.90
N PHE D 111 1.97 6.65 13.00
CA PHE D 111 1.66 8.08 12.98
C PHE D 111 2.93 8.91 12.99
N ASN D 112 3.93 8.45 12.24
CA ASN D 112 5.18 9.18 12.05
C ASN D 112 5.69 8.89 10.66
N LEU D 113 6.20 9.93 10.00
CA LEU D 113 6.60 9.80 8.61
C LEU D 113 8.06 9.41 8.44
N HIS D 114 8.84 9.39 9.51
CA HIS D 114 10.28 9.17 9.40
C HIS D 114 10.69 7.73 9.62
N HIS D 115 9.83 6.79 9.26
CA HIS D 115 10.19 5.39 9.21
C HIS D 115 9.49 4.74 8.03
N ALA D 116 10.00 3.59 7.61
CA ALA D 116 9.37 2.86 6.54
C ALA D 116 7.93 2.54 6.90
N THR D 117 7.07 2.64 5.91
CA THR D 117 5.68 2.29 6.07
C THR D 117 5.48 0.91 5.49
N LYS D 118 4.90 0.03 6.28
CA LYS D 118 4.47 -1.26 5.79
C LYS D 118 2.98 -1.14 5.52
N ILE D 119 2.61 -1.22 4.25
CA ILE D 119 1.28 -0.82 3.81
C ILE D 119 0.20 -1.69 4.46
N ASP D 120 0.50 -2.97 4.67
CA ASP D 120 -0.48 -3.83 5.31
C ASP D 120 -0.76 -3.39 6.74
N ALA D 121 0.28 -2.93 7.44
CA ALA D 121 0.07 -2.42 8.79
C ALA D 121 -0.85 -1.22 8.78
N VAL D 122 -0.65 -0.30 7.82
CA VAL D 122 -1.53 0.86 7.68
C VAL D 122 -2.96 0.41 7.34
N GLN D 123 -3.09 -0.56 6.43
CA GLN D 123 -4.42 -1.07 6.06
C GLN D 123 -5.12 -1.68 7.25
N LEU D 124 -4.39 -2.47 8.04
CA LEU D 124 -4.94 -3.10 9.22
C LEU D 124 -5.34 -2.07 10.27
N ALA D 125 -4.50 -1.03 10.44
CA ALA D 125 -4.83 0.06 11.35
C ALA D 125 -6.08 0.80 10.90
N ALA D 126 -6.21 1.03 9.59
CA ALA D 126 -7.42 1.65 9.07
C ALA D 126 -8.66 0.82 9.38
N LYS D 127 -8.56 -0.50 9.20
CA LYS D 127 -9.69 -1.38 9.48
C LYS D 127 -10.15 -1.24 10.93
N ALA D 128 -9.22 -1.30 11.87
CA ALA D 128 -9.58 -1.14 13.27
C ALA D 128 -10.18 0.25 13.53
N LEU D 129 -9.77 1.25 12.76
CA LEU D 129 -10.34 2.58 12.91
C LEU D 129 -11.71 2.69 12.27
N GLY D 130 -12.26 1.59 11.77
CA GLY D 130 -13.52 1.65 11.07
C GLY D 130 -13.41 2.22 9.69
N LYS D 131 -12.22 2.25 9.12
CA LYS D 131 -12.01 2.75 7.79
C LYS D 131 -11.55 1.61 6.88
N GLU D 132 -11.69 1.82 5.58
CA GLU D 132 -11.36 0.79 4.61
C GLU D 132 -10.38 1.38 3.61
N LEU D 133 -9.15 0.88 3.63
CA LEU D 133 -8.08 1.29 2.74
C LEU D 133 -7.97 0.30 1.59
N SER D 134 -8.08 0.80 0.35
CA SER D 134 -8.05 -0.03 -0.84
C SER D 134 -7.22 0.66 -1.91
N LEU D 135 -6.70 -0.12 -2.86
CA LEU D 135 -5.95 0.39 -4.00
C LEU D 135 -6.74 0.30 -5.30
N VAL D 136 -6.64 1.33 -6.13
CA VAL D 136 -7.32 1.31 -7.42
C VAL D 136 -6.34 1.61 -8.55
N VAL D 138 -4.09 0.62 -12.21
CA VAL D 138 -2.90 -0.14 -12.61
C VAL D 138 -3.25 -1.50 -13.15
#